data_8UCF
#
_entry.id   8UCF
#
_cell.length_a   81.950
_cell.length_b   96.859
_cell.length_c   139.454
_cell.angle_alpha   90.000
_cell.angle_beta   90.000
_cell.angle_gamma   90.000
#
_symmetry.space_group_name_H-M   'C 2 2 21'
#
loop_
_entity.id
_entity.type
_entity.pdbx_description
1 polymer 'ATP dependent DNA ligase'
2 non-polymer GLYCEROL
3 non-polymer 'MAGNESIUM ION'
4 water water
#
_entity_poly.entity_id   1
_entity_poly.type   'polypeptide(L)'
_entity_poly.pdbx_seq_one_letter_code
;MGSSHHHHHHSSGLVPRGSHMMVSSYFKGILLNLGLDEERIEVLENKGGIVEDEFEGMRYLRLKDSARSLRRGTVVFDEH
NIILGFPHIKRVVQLENGIRRAFKRKPFYVEEKVDGYNVRVAKIGEKILVFTRGGFVCPFTTERIEDFITLDFFKDYPNM
VLCGEMAGPESPYLVEGPPYVKEDIQFFLFDIQEKKTGRSLPVEERLKLAEEYGIPSVEVFGLYDLSRIDELHALIDRLT
KEKREGIVMKSPDMKKIVGYVTPYANINDIKIGARIFFDLPHGYFMQRIKRLAFYLAERKIRGEEFDEYARALGKVLLEP
FVESIWDISSGDDEIAELFTVRVKKLETAHKMVTHFERLRLKIHIDDIEVLDNGYWRITFKRVYPDATKEMRELWNGHAF
VD
;
_entity_poly.pdbx_strand_id   A
#
loop_
_chem_comp.id
_chem_comp.type
_chem_comp.name
_chem_comp.formula
GOL non-polymer GLYCEROL 'C3 H8 O3'
MG non-polymer 'MAGNESIUM ION' 'Mg 2'
#
# COMPACT_ATOMS: atom_id res chain seq x y z
N MET A 22 10.88 -5.48 27.38
CA MET A 22 10.39 -5.49 26.00
C MET A 22 10.33 -4.08 25.41
N VAL A 23 9.76 -3.13 26.14
CA VAL A 23 9.52 -1.78 25.65
C VAL A 23 9.87 -0.77 26.74
N SER A 24 10.58 0.29 26.36
CA SER A 24 11.14 1.22 27.33
C SER A 24 10.04 1.96 28.10
N SER A 25 10.35 2.24 29.36
CA SER A 25 9.48 3.09 30.18
C SER A 25 9.32 4.49 29.60
N TYR A 26 10.29 4.93 28.79
CA TYR A 26 10.13 6.21 28.09
C TYR A 26 8.86 6.21 27.24
N PHE A 27 8.66 5.14 26.47
CA PHE A 27 7.51 5.06 25.57
C PHE A 27 6.22 4.73 26.33
N LYS A 28 6.30 3.85 27.32
CA LYS A 28 5.12 3.52 28.10
C LYS A 28 4.60 4.74 28.85
N GLY A 29 5.51 5.61 29.29
CA GLY A 29 5.10 6.85 29.90
C GLY A 29 4.29 7.72 28.94
N ILE A 30 4.72 7.79 27.68
CA ILE A 30 3.97 8.56 26.68
C ILE A 30 2.58 7.96 26.48
N LEU A 31 2.50 6.64 26.35
CA LEU A 31 1.21 5.98 26.20
C LEU A 31 0.31 6.24 27.40
N LEU A 32 0.87 6.24 28.61
CA LEU A 32 0.08 6.54 29.79
C LEU A 32 -0.54 7.93 29.68
N ASN A 33 0.27 8.93 29.31
CA ASN A 33 -0.22 10.29 29.17
C ASN A 33 -1.24 10.44 28.05
N LEU A 34 -1.25 9.54 27.08
CA LEU A 34 -2.31 9.53 26.07
C LEU A 34 -3.58 8.87 26.59
N GLY A 35 -3.59 8.35 27.81
CA GLY A 35 -4.79 7.79 28.40
C GLY A 35 -4.90 6.28 28.34
N LEU A 36 -3.90 5.57 27.81
CA LEU A 36 -3.96 4.12 27.84
C LEU A 36 -3.82 3.62 29.27
N ASP A 37 -4.48 2.50 29.55
CA ASP A 37 -4.39 1.89 30.86
C ASP A 37 -3.06 1.17 31.03
N GLU A 38 -2.55 1.17 32.26
CA GLU A 38 -1.29 0.50 32.54
C GLU A 38 -1.39 -0.99 32.21
N GLU A 39 -2.56 -1.59 32.44
CA GLU A 39 -2.72 -3.01 32.15
C GLU A 39 -2.73 -3.27 30.65
N ARG A 40 -3.42 -2.43 29.88
CA ARG A 40 -3.39 -2.57 28.42
C ARG A 40 -1.97 -2.46 27.88
N ILE A 41 -1.19 -1.49 28.38
CA ILE A 41 0.19 -1.34 27.94
C ILE A 41 0.97 -2.63 28.19
N GLU A 42 0.80 -3.22 29.39
CA GLU A 42 1.52 -4.45 29.71
C GLU A 42 1.12 -5.58 28.80
N VAL A 43 -0.19 -5.74 28.52
CA VAL A 43 -0.63 -6.78 27.62
C VAL A 43 -0.06 -6.56 26.23
N LEU A 44 -0.10 -5.32 25.75
CA LEU A 44 0.47 -5.01 24.44
C LEU A 44 1.96 -5.32 24.40
N GLU A 45 2.68 -4.93 25.46
CA GLU A 45 4.12 -5.19 25.53
C GLU A 45 4.42 -6.68 25.52
N ASN A 46 3.71 -7.46 26.33
CA ASN A 46 3.99 -8.90 26.41
C ASN A 46 3.58 -9.63 25.14
N LYS A 47 2.55 -9.17 24.45
CA LYS A 47 2.08 -9.84 23.24
C LYS A 47 2.79 -9.35 21.98
N GLY A 48 3.70 -8.39 22.08
CA GLY A 48 4.32 -7.84 20.90
C GLY A 48 3.42 -6.94 20.08
N GLY A 49 2.32 -6.46 20.65
CA GLY A 49 1.49 -5.48 19.97
C GLY A 49 2.12 -4.10 19.87
N ILE A 50 3.06 -3.78 20.77
CA ILE A 50 3.91 -2.60 20.66
C ILE A 50 5.36 -3.07 20.67
N VAL A 51 6.17 -2.53 19.76
CA VAL A 51 7.58 -2.88 19.67
C VAL A 51 8.38 -1.61 19.45
N GLU A 52 9.65 -1.66 19.82
CA GLU A 52 10.57 -0.57 19.58
C GLU A 52 11.32 -0.81 18.28
N ASP A 53 11.56 0.26 17.54
CA ASP A 53 12.38 0.20 16.35
C ASP A 53 13.31 1.41 16.34
N GLU A 54 14.17 1.46 15.33
CA GLU A 54 15.20 2.48 15.27
C GLU A 54 15.53 2.81 13.83
N PHE A 55 15.72 4.09 13.55
CA PHE A 55 16.12 4.54 12.23
C PHE A 55 17.18 5.61 12.39
N GLU A 56 18.35 5.37 11.80
CA GLU A 56 19.46 6.31 11.86
C GLU A 56 19.68 6.77 13.29
N GLY A 57 19.59 5.83 14.23
CA GLY A 57 19.82 6.13 15.63
C GLY A 57 18.63 6.69 16.40
N MET A 58 17.52 7.00 15.73
CA MET A 58 16.35 7.53 16.44
C MET A 58 15.44 6.38 16.84
N ARG A 59 15.20 6.24 18.14
CA ARG A 59 14.35 5.17 18.64
C ARG A 59 12.89 5.57 18.52
N TYR A 60 12.02 4.61 18.17
CA TYR A 60 10.60 4.91 18.18
C TYR A 60 9.82 3.65 18.49
N LEU A 61 8.55 3.86 18.85
CA LEU A 61 7.60 2.79 19.14
C LEU A 61 6.66 2.58 17.98
N ARG A 62 6.45 1.32 17.58
CA ARG A 62 5.50 0.96 16.54
C ARG A 62 4.32 0.22 17.15
N LEU A 63 3.13 0.53 16.70
CA LEU A 63 1.92 -0.18 17.11
C LEU A 63 1.64 -1.27 16.09
N LYS A 64 1.92 -2.53 16.46
CA LYS A 64 1.55 -3.66 15.61
C LYS A 64 0.10 -4.05 15.78
N ASP A 65 -0.50 -3.72 16.92
CA ASP A 65 -1.93 -3.86 17.12
C ASP A 65 -2.52 -2.49 17.44
N SER A 66 -3.83 -2.37 17.23
CA SER A 66 -4.54 -1.18 17.65
C SER A 66 -4.52 -1.06 19.16
N ALA A 67 -4.52 0.17 19.66
CA ALA A 67 -4.58 0.45 21.09
C ALA A 67 -5.60 1.57 21.28
N ARG A 68 -6.86 1.17 21.49
CA ARG A 68 -7.97 2.12 21.56
C ARG A 68 -7.97 3.00 20.32
N SER A 69 -7.85 4.32 20.51
CA SER A 69 -7.83 5.28 19.42
C SER A 69 -6.57 5.19 18.56
N LEU A 70 -5.53 4.49 19.02
CA LEU A 70 -4.24 4.45 18.33
C LEU A 70 -4.26 3.28 17.35
N ARG A 71 -4.42 3.57 16.08
CA ARG A 71 -4.54 2.53 15.08
C ARG A 71 -3.21 1.83 14.85
N ARG A 72 -3.30 0.60 14.32
CA ARG A 72 -2.12 -0.15 13.91
C ARG A 72 -1.31 0.69 12.92
N GLY A 73 0.02 0.59 13.02
CA GLY A 73 0.89 1.39 12.20
C GLY A 73 1.19 2.78 12.76
N THR A 74 0.59 3.15 13.88
CA THR A 74 0.96 4.39 14.57
C THR A 74 2.41 4.28 15.05
N VAL A 75 3.14 5.41 14.95
CA VAL A 75 4.50 5.46 15.48
C VAL A 75 4.61 6.62 16.45
N VAL A 76 5.42 6.41 17.48
CA VAL A 76 5.59 7.35 18.59
C VAL A 76 7.09 7.58 18.76
N PHE A 77 7.53 8.82 18.54
CA PHE A 77 8.93 9.19 18.80
C PHE A 77 9.09 9.94 20.11
N ASP A 78 8.07 10.69 20.49
CA ASP A 78 8.06 11.49 21.71
C ASP A 78 6.60 11.92 21.91
N GLU A 79 6.39 12.82 22.86
CA GLU A 79 5.04 13.23 23.24
C GLU A 79 4.32 13.97 22.12
N HIS A 80 5.05 14.59 21.20
CA HIS A 80 4.44 15.36 20.11
C HIS A 80 4.48 14.62 18.78
N ASN A 81 5.61 13.98 18.47
CA ASN A 81 5.82 13.30 17.20
C ASN A 81 5.17 11.92 17.26
N ILE A 82 3.83 11.93 17.14
CA ILE A 82 3.01 10.73 17.06
C ILE A 82 2.31 10.77 15.70
N ILE A 83 2.57 9.76 14.87
CA ILE A 83 2.05 9.69 13.52
C ILE A 83 1.05 8.55 13.48
N LEU A 84 -0.23 8.88 13.37
CA LEU A 84 -1.27 7.87 13.46
C LEU A 84 -1.25 6.95 12.25
N GLY A 85 -1.46 5.66 12.49
CA GLY A 85 -1.66 4.73 11.39
C GLY A 85 -2.93 5.04 10.62
N PHE A 86 -3.01 4.50 9.41
CA PHE A 86 -4.14 4.72 8.50
C PHE A 86 -5.33 3.89 8.93
N PRO A 87 -6.53 4.46 8.89
CA PRO A 87 -7.72 3.61 9.00
C PRO A 87 -7.77 2.62 7.85
N HIS A 88 -8.45 1.51 8.08
CA HIS A 88 -8.69 0.54 7.02
C HIS A 88 -9.88 1.05 6.20
N ILE A 89 -9.64 1.38 4.95
CA ILE A 89 -10.68 2.00 4.12
C ILE A 89 -11.56 0.93 3.49
N LYS A 90 -12.86 1.05 3.70
CA LYS A 90 -13.80 0.02 3.27
C LYS A 90 -14.01 0.07 1.76
N ARG A 91 -14.27 -1.09 1.18
CA ARG A 91 -14.54 -1.20 -0.24
C ARG A 91 -15.98 -1.66 -0.45
N VAL A 92 -16.56 -1.24 -1.56
CA VAL A 92 -17.84 -1.78 -2.00
C VAL A 92 -17.57 -2.65 -3.21
N VAL A 93 -18.39 -3.68 -3.38
CA VAL A 93 -18.25 -4.54 -4.56
C VAL A 93 -19.35 -4.28 -5.56
N GLN A 94 -20.42 -3.57 -5.16
CA GLN A 94 -21.52 -3.15 -6.01
C GLN A 94 -21.51 -1.63 -5.96
N LEU A 95 -21.17 -0.99 -7.08
CA LEU A 95 -20.85 0.43 -7.06
C LEU A 95 -22.08 1.29 -6.84
N GLU A 96 -23.14 1.06 -7.60
CA GLU A 96 -24.33 1.91 -7.50
C GLU A 96 -24.94 1.83 -6.10
N ASN A 97 -25.14 0.62 -5.59
CA ASN A 97 -25.74 0.50 -4.25
C ASN A 97 -24.73 0.86 -3.17
N GLY A 98 -23.43 0.66 -3.43
CA GLY A 98 -22.44 1.11 -2.47
C GLY A 98 -22.47 2.62 -2.29
N ILE A 99 -22.67 3.34 -3.40
CA ILE A 99 -22.81 4.80 -3.33
C ILE A 99 -24.09 5.19 -2.62
N ARG A 100 -25.20 4.54 -2.99
CA ARG A 100 -26.47 4.85 -2.36
C ARG A 100 -26.39 4.64 -0.85
N ARG A 101 -25.69 3.59 -0.42
CA ARG A 101 -25.59 3.31 1.01
C ARG A 101 -24.68 4.29 1.72
N ALA A 102 -23.53 4.62 1.12
CA ALA A 102 -22.54 5.46 1.76
C ALA A 102 -22.90 6.93 1.71
N PHE A 103 -23.42 7.39 0.58
CA PHE A 103 -23.57 8.82 0.33
C PHE A 103 -25.00 9.27 0.08
N LYS A 104 -25.95 8.35 -0.09
CA LYS A 104 -27.32 8.68 -0.52
C LYS A 104 -27.21 9.48 -1.82
N ARG A 105 -27.88 10.63 -1.95
CA ARG A 105 -27.77 11.44 -3.16
C ARG A 105 -26.86 12.66 -2.96
N LYS A 106 -26.08 12.70 -1.87
CA LYS A 106 -25.18 13.82 -1.63
C LYS A 106 -23.91 13.72 -2.50
N PRO A 107 -23.26 14.84 -2.80
CA PRO A 107 -22.06 14.80 -3.65
C PRO A 107 -20.85 14.24 -2.92
N PHE A 108 -19.92 13.69 -3.70
CA PHE A 108 -18.67 13.17 -3.16
C PHE A 108 -17.60 13.35 -4.22
N TYR A 109 -16.36 13.54 -3.76
CA TYR A 109 -15.23 13.58 -4.66
C TYR A 109 -14.88 12.17 -5.12
N VAL A 110 -14.41 12.06 -6.36
CA VAL A 110 -13.96 10.80 -6.93
C VAL A 110 -12.49 11.00 -7.34
N GLU A 111 -11.59 10.27 -6.70
CA GLU A 111 -10.17 10.29 -7.00
C GLU A 111 -9.72 8.93 -7.52
N GLU A 112 -8.55 8.93 -8.16
CA GLU A 112 -7.97 7.67 -8.58
C GLU A 112 -7.42 6.91 -7.38
N LYS A 113 -7.67 5.59 -7.37
CA LYS A 113 -6.93 4.68 -6.51
C LYS A 113 -5.69 4.25 -7.29
N VAL A 114 -4.50 4.58 -6.77
CA VAL A 114 -3.24 4.30 -7.47
C VAL A 114 -2.61 3.07 -6.83
N ASP A 115 -2.14 2.14 -7.67
CA ASP A 115 -1.64 0.85 -7.20
C ASP A 115 -0.17 0.98 -6.83
N GLY A 116 0.09 1.26 -5.55
CA GLY A 116 1.44 1.39 -5.05
C GLY A 116 1.49 0.95 -3.61
N TYR A 117 2.38 1.56 -2.83
CA TYR A 117 2.35 1.35 -1.39
C TYR A 117 2.11 2.70 -0.71
N ASN A 118 1.35 2.71 0.37
CA ASN A 118 1.05 4.01 0.96
C ASN A 118 2.19 4.44 1.86
N VAL A 119 2.35 5.76 2.01
CA VAL A 119 3.40 6.32 2.85
C VAL A 119 2.81 7.51 3.60
N ARG A 120 3.41 7.77 4.77
CA ARG A 120 3.18 8.98 5.53
C ARG A 120 4.51 9.70 5.65
N VAL A 121 4.54 10.97 5.25
CA VAL A 121 5.75 11.79 5.25
C VAL A 121 5.62 12.84 6.34
N ALA A 122 6.59 12.88 7.25
CA ALA A 122 6.49 13.82 8.36
C ALA A 122 7.86 14.34 8.76
N LYS A 123 7.87 15.55 9.30
CA LYS A 123 9.08 16.10 9.91
C LYS A 123 9.18 15.63 11.36
N ILE A 124 10.27 14.95 11.67
CA ILE A 124 10.55 14.42 13.01
C ILE A 124 11.88 15.02 13.44
N GLY A 125 11.85 15.94 14.40
CA GLY A 125 13.08 16.66 14.73
C GLY A 125 13.52 17.47 13.53
N GLU A 126 14.76 17.30 13.12
CA GLU A 126 15.29 17.98 11.95
C GLU A 126 15.25 17.10 10.70
N LYS A 127 14.55 15.97 10.76
CA LYS A 127 14.58 15.00 9.67
C LYS A 127 13.20 14.86 9.06
N ILE A 128 13.17 14.63 7.74
CA ILE A 128 11.97 14.19 7.06
C ILE A 128 12.03 12.68 6.97
N LEU A 129 11.06 12.00 7.56
CA LEU A 129 10.99 10.55 7.55
C LEU A 129 9.75 10.09 6.78
N VAL A 130 9.87 8.93 6.13
CA VAL A 130 8.78 8.35 5.36
C VAL A 130 8.44 6.99 5.95
N PHE A 131 7.18 6.79 6.35
CA PHE A 131 6.73 5.56 7.01
C PHE A 131 5.83 4.77 6.09
N THR A 132 6.05 3.45 6.02
CA THR A 132 5.13 2.58 5.31
C THR A 132 4.01 2.16 6.25
N ARG A 133 3.07 1.34 5.73
CA ARG A 133 1.79 1.15 6.44
C ARG A 133 1.99 0.60 7.85
N GLY A 134 2.93 -0.33 8.03
CA GLY A 134 3.06 -0.87 9.38
C GLY A 134 3.84 -0.01 10.35
N GLY A 135 4.28 1.17 9.93
CA GLY A 135 5.04 2.04 10.80
C GLY A 135 6.53 1.90 10.72
N PHE A 136 7.06 1.26 9.66
CA PHE A 136 8.50 1.19 9.46
C PHE A 136 8.94 2.44 8.71
N VAL A 137 10.10 2.98 9.06
CA VAL A 137 10.73 4.00 8.22
C VAL A 137 11.33 3.32 7.00
N CYS A 138 10.96 3.78 5.82
CA CYS A 138 11.48 3.20 4.59
C CYS A 138 12.75 3.93 4.21
N PRO A 139 13.92 3.28 4.24
CA PRO A 139 15.14 4.01 3.88
C PRO A 139 15.15 4.42 2.43
N PHE A 140 14.52 3.62 1.55
CA PHE A 140 14.46 4.00 0.14
C PHE A 140 13.62 5.25 -0.05
N THR A 141 12.37 5.21 0.41
CA THR A 141 11.49 6.35 0.16
C THR A 141 11.95 7.58 0.92
N THR A 142 12.52 7.37 2.11
CA THR A 142 13.06 8.52 2.85
C THR A 142 14.18 9.20 2.06
N GLU A 143 15.03 8.44 1.37
CA GLU A 143 16.07 9.07 0.54
C GLU A 143 15.45 9.77 -0.66
N ARG A 144 14.42 9.19 -1.27
CA ARG A 144 13.91 9.66 -2.54
C ARG A 144 12.86 10.77 -2.42
N ILE A 145 12.27 10.98 -1.24
CA ILE A 145 11.05 11.79 -1.19
C ILE A 145 11.32 13.23 -1.62
N GLU A 146 12.54 13.74 -1.43
CA GLU A 146 12.88 15.10 -1.89
C GLU A 146 12.77 15.24 -3.40
N ASP A 147 12.83 14.14 -4.16
CA ASP A 147 12.60 14.23 -5.59
C ASP A 147 11.15 14.52 -5.96
N PHE A 148 10.21 14.39 -5.03
CA PHE A 148 8.80 14.55 -5.38
C PHE A 148 8.07 15.64 -4.63
N ILE A 149 8.48 15.96 -3.40
CA ILE A 149 7.79 16.95 -2.58
C ILE A 149 8.79 18.03 -2.20
N THR A 150 8.37 19.29 -2.31
CA THR A 150 9.17 20.36 -1.72
C THR A 150 9.14 20.25 -0.21
N LEU A 151 10.31 20.32 0.39
CA LEU A 151 10.36 20.36 1.84
C LEU A 151 9.82 21.67 2.41
N ASP A 152 9.49 22.65 1.56
CA ASP A 152 8.86 23.87 2.06
C ASP A 152 7.60 23.56 2.85
N PHE A 153 6.87 22.52 2.46
CA PHE A 153 5.62 22.23 3.14
C PHE A 153 5.84 22.06 4.64
N PHE A 154 6.93 21.39 5.02
CA PHE A 154 7.15 21.07 6.42
C PHE A 154 7.80 22.22 7.17
N LYS A 155 8.44 23.15 6.47
CA LYS A 155 8.81 24.42 7.09
C LYS A 155 7.57 25.18 7.55
N ASP A 156 6.51 25.17 6.74
CA ASP A 156 5.28 25.91 7.05
C ASP A 156 4.30 25.11 7.90
N TYR A 157 4.27 23.79 7.76
CA TYR A 157 3.32 22.93 8.46
C TYR A 157 4.07 21.77 9.11
N PRO A 158 4.90 22.05 10.12
CA PRO A 158 5.68 20.98 10.74
C PRO A 158 4.84 19.94 11.44
N ASN A 159 3.58 20.25 11.74
CA ASN A 159 2.72 19.34 12.49
C ASN A 159 1.73 18.61 11.58
N MET A 160 1.91 18.71 10.27
CA MET A 160 1.09 18.00 9.29
C MET A 160 1.85 16.84 8.66
N VAL A 161 1.09 15.83 8.24
CA VAL A 161 1.60 14.58 7.66
C VAL A 161 1.07 14.47 6.23
N LEU A 162 1.98 14.39 5.25
CA LEU A 162 1.56 14.15 3.87
C LEU A 162 1.36 12.65 3.66
N CYS A 163 0.21 12.28 3.11
CA CYS A 163 -0.19 10.88 2.93
C CYS A 163 -0.36 10.60 1.45
N GLY A 164 0.34 9.59 0.97
CA GLY A 164 0.29 9.38 -0.48
C GLY A 164 0.67 7.98 -0.88
N GLU A 165 0.48 7.70 -2.16
CA GLU A 165 0.86 6.42 -2.75
C GLU A 165 2.20 6.57 -3.45
N MET A 166 3.10 5.60 -3.26
CA MET A 166 4.34 5.58 -4.01
C MET A 166 4.12 4.53 -5.09
N ALA A 167 4.19 4.92 -6.36
CA ALA A 167 3.78 3.97 -7.40
C ALA A 167 4.60 4.15 -8.66
N GLY A 168 4.90 3.05 -9.33
CA GLY A 168 5.66 3.10 -10.56
C GLY A 168 6.29 1.77 -10.86
N PRO A 169 7.04 1.69 -11.96
CA PRO A 169 7.59 0.39 -12.39
C PRO A 169 8.86 -0.02 -11.67
N GLU A 170 9.48 0.88 -10.90
CA GLU A 170 10.71 0.55 -10.20
C GLU A 170 10.45 0.77 -8.72
N SER A 171 9.74 -0.18 -8.12
CA SER A 171 9.22 -0.06 -6.78
C SER A 171 9.88 -1.10 -5.87
N PRO A 172 10.21 -0.75 -4.63
CA PRO A 172 10.76 -1.77 -3.73
C PRO A 172 9.75 -2.77 -3.21
N TYR A 173 8.44 -2.50 -3.30
CA TYR A 173 7.44 -3.35 -2.65
C TYR A 173 6.38 -3.93 -3.58
N LEU A 174 6.22 -3.42 -4.79
CA LEU A 174 5.24 -3.97 -5.73
C LEU A 174 5.93 -4.33 -7.03
N VAL A 175 5.31 -5.23 -7.78
CA VAL A 175 5.82 -5.55 -9.11
C VAL A 175 4.85 -5.10 -10.20
N GLU A 176 3.91 -4.22 -9.86
CA GLU A 176 3.03 -3.62 -10.85
C GLU A 176 2.88 -2.15 -10.51
N GLY A 177 2.27 -1.39 -11.41
CA GLY A 177 2.00 0.01 -11.16
C GLY A 177 1.20 0.66 -12.27
N PRO A 178 0.91 1.96 -12.10
CA PRO A 178 0.08 2.65 -13.09
C PRO A 178 0.80 2.80 -14.42
N PRO A 179 0.06 2.81 -15.54
CA PRO A 179 0.70 2.80 -16.86
C PRO A 179 1.40 4.11 -17.21
N TYR A 180 0.97 5.22 -16.63
CA TYR A 180 1.49 6.51 -17.01
C TYR A 180 2.80 6.87 -16.31
N VAL A 181 3.27 6.05 -15.37
CA VAL A 181 4.61 6.21 -14.79
C VAL A 181 5.52 5.29 -15.58
N LYS A 182 6.29 5.87 -16.51
CA LYS A 182 7.04 5.06 -17.47
C LYS A 182 8.38 4.59 -16.92
N GLU A 183 8.96 5.29 -15.96
CA GLU A 183 10.20 4.83 -15.33
C GLU A 183 10.17 5.26 -13.86
N ASP A 184 11.11 4.73 -13.08
CA ASP A 184 11.36 5.16 -11.69
C ASP A 184 10.08 4.97 -10.89
N ILE A 185 9.65 5.97 -10.12
CA ILE A 185 8.53 5.83 -9.18
C ILE A 185 8.07 7.25 -8.90
N GLN A 186 6.82 7.39 -8.47
CA GLN A 186 6.27 8.72 -8.26
C GLN A 186 5.43 8.72 -6.98
N PHE A 187 5.32 9.90 -6.37
CA PHE A 187 4.46 10.10 -5.21
C PHE A 187 3.14 10.71 -5.69
N PHE A 188 2.03 10.26 -5.09
CA PHE A 188 0.69 10.76 -5.39
C PHE A 188 -0.03 11.06 -4.07
N LEU A 189 -0.15 12.35 -3.71
CA LEU A 189 -0.84 12.74 -2.49
C LEU A 189 -2.30 12.30 -2.49
N PHE A 190 -2.77 11.71 -1.38
CA PHE A 190 -4.22 11.50 -1.25
C PHE A 190 -4.82 12.00 0.06
N ASP A 191 -4.02 12.54 0.97
CA ASP A 191 -4.56 13.05 2.23
C ASP A 191 -3.48 13.88 2.89
N ILE A 192 -3.91 14.80 3.76
CA ILE A 192 -3.01 15.53 4.64
C ILE A 192 -3.61 15.43 6.03
N GLN A 193 -2.84 14.91 7.00
CA GLN A 193 -3.37 14.61 8.33
C GLN A 193 -2.55 15.32 9.40
N GLU A 194 -3.22 15.63 10.52
CA GLU A 194 -2.55 16.20 11.68
C GLU A 194 -1.78 15.13 12.44
N LYS A 195 -0.58 15.48 12.90
CA LYS A 195 0.11 14.66 13.90
C LYS A 195 -0.81 14.45 15.10
N LYS A 196 -0.63 13.31 15.76
CA LYS A 196 -1.24 12.97 17.04
C LYS A 196 -2.72 12.65 16.93
N THR A 197 -3.50 13.49 16.25
CA THR A 197 -4.92 13.20 16.10
C THR A 197 -5.24 12.38 14.86
N GLY A 198 -4.39 12.44 13.83
CA GLY A 198 -4.73 11.76 12.60
C GLY A 198 -5.87 12.38 11.82
N ARG A 199 -6.35 13.57 12.21
CA ARG A 199 -7.46 14.21 11.52
C ARG A 199 -7.09 14.60 10.09
N SER A 200 -7.96 14.24 9.14
CA SER A 200 -7.78 14.61 7.73
C SER A 200 -8.29 16.02 7.44
N LEU A 201 -7.56 16.75 6.61
CA LEU A 201 -8.09 18.00 6.10
C LEU A 201 -9.24 17.72 5.14
N PRO A 202 -10.27 18.58 5.10
CA PRO A 202 -11.30 18.44 4.08
C PRO A 202 -10.68 18.44 2.69
N VAL A 203 -11.36 17.78 1.74
CA VAL A 203 -10.79 17.57 0.42
C VAL A 203 -10.30 18.87 -0.20
N GLU A 204 -11.14 19.91 -0.14
CA GLU A 204 -10.83 21.16 -0.84
C GLU A 204 -9.60 21.83 -0.26
N GLU A 205 -9.47 21.84 1.06
CA GLU A 205 -8.28 22.41 1.68
C GLU A 205 -7.03 21.61 1.34
N ARG A 206 -7.13 20.28 1.34
CA ARG A 206 -6.01 19.45 0.93
C ARG A 206 -5.60 19.77 -0.50
N LEU A 207 -6.57 19.91 -1.41
CA LEU A 207 -6.24 20.21 -2.79
C LEU A 207 -5.63 21.59 -2.95
N LYS A 208 -6.11 22.56 -2.17
CA LYS A 208 -5.51 23.90 -2.21
C LYS A 208 -4.06 23.87 -1.75
N LEU A 209 -3.76 23.07 -0.72
CA LEU A 209 -2.39 22.97 -0.23
C LEU A 209 -1.50 22.28 -1.27
N ALA A 210 -2.01 21.22 -1.90
CA ALA A 210 -1.21 20.54 -2.92
C ALA A 210 -0.86 21.50 -4.05
N GLU A 211 -1.81 22.34 -4.46
CA GLU A 211 -1.54 23.38 -5.45
C GLU A 211 -0.48 24.36 -4.94
N GLU A 212 -0.67 24.87 -3.72
CA GLU A 212 0.22 25.90 -3.21
C GLU A 212 1.67 25.41 -3.13
N TYR A 213 1.86 24.14 -2.77
CA TYR A 213 3.21 23.59 -2.62
C TYR A 213 3.64 22.73 -3.79
N GLY A 214 2.83 22.65 -4.85
CA GLY A 214 3.21 21.85 -5.99
C GLY A 214 3.35 20.38 -5.70
N ILE A 215 2.56 19.85 -4.78
CA ILE A 215 2.65 18.43 -4.41
C ILE A 215 1.88 17.60 -5.43
N PRO A 216 2.53 16.61 -6.07
CA PRO A 216 1.82 15.75 -7.02
C PRO A 216 0.68 15.03 -6.33
N SER A 217 -0.47 14.97 -6.99
CA SER A 217 -1.70 14.46 -6.39
C SER A 217 -2.23 13.28 -7.19
N VAL A 218 -2.99 12.40 -6.53
CA VAL A 218 -3.83 11.46 -7.27
C VAL A 218 -4.71 12.29 -8.19
N GLU A 219 -5.07 11.73 -9.34
CA GLU A 219 -6.01 12.43 -10.22
C GLU A 219 -7.35 12.57 -9.51
N VAL A 220 -7.89 13.77 -9.48
CA VAL A 220 -9.23 14.03 -8.99
C VAL A 220 -10.14 14.12 -10.21
N PHE A 221 -11.00 13.13 -10.38
CA PHE A 221 -11.82 13.11 -11.59
C PHE A 221 -12.95 14.12 -11.51
N GLY A 222 -13.39 14.48 -10.31
CA GLY A 222 -14.37 15.52 -10.16
C GLY A 222 -15.30 15.23 -9.01
N LEU A 223 -16.39 15.98 -8.98
CA LEU A 223 -17.41 15.86 -7.95
C LEU A 223 -18.60 15.13 -8.57
N TYR A 224 -19.04 14.05 -7.94
CA TYR A 224 -20.08 13.20 -8.51
C TYR A 224 -21.18 12.99 -7.48
N ASP A 225 -22.26 12.32 -7.91
CA ASP A 225 -23.28 11.86 -6.98
C ASP A 225 -23.93 10.61 -7.58
N LEU A 226 -24.87 10.05 -6.82
CA LEU A 226 -25.54 8.82 -7.24
C LEU A 226 -26.16 8.97 -8.63
N SER A 227 -26.72 10.15 -8.92
CA SER A 227 -27.39 10.36 -10.20
C SER A 227 -26.45 10.21 -11.39
N ARG A 228 -25.14 10.30 -11.18
CA ARG A 228 -24.17 10.19 -12.25
C ARG A 228 -23.55 8.80 -12.33
N ILE A 229 -24.25 7.77 -11.83
CA ILE A 229 -23.69 6.42 -11.78
C ILE A 229 -23.24 5.97 -13.18
N ASP A 230 -23.99 6.33 -14.22
CA ASP A 230 -23.60 5.87 -15.54
C ASP A 230 -22.28 6.47 -15.99
N GLU A 231 -22.01 7.72 -15.62
CA GLU A 231 -20.69 8.31 -15.91
C GLU A 231 -19.60 7.61 -15.10
N LEU A 232 -19.91 7.14 -13.89
CA LEU A 232 -18.91 6.47 -13.10
C LEU A 232 -18.61 5.08 -13.66
N HIS A 233 -19.64 4.35 -14.12
CA HIS A 233 -19.40 3.08 -14.82
C HIS A 233 -18.52 3.29 -16.04
N ALA A 234 -18.79 4.36 -16.80
CA ALA A 234 -17.97 4.67 -17.98
C ALA A 234 -16.53 4.97 -17.58
N LEU A 235 -16.35 5.69 -16.48
CA LEU A 235 -15.01 5.93 -15.95
C LEU A 235 -14.32 4.62 -15.60
N ILE A 236 -15.03 3.73 -14.86
CA ILE A 236 -14.43 2.45 -14.50
C ILE A 236 -14.02 1.68 -15.75
N ASP A 237 -14.85 1.71 -16.79
CA ASP A 237 -14.50 1.01 -18.03
C ASP A 237 -13.25 1.60 -18.68
N ARG A 238 -13.12 2.92 -18.66
CA ARG A 238 -11.91 3.54 -19.19
C ARG A 238 -10.69 3.16 -18.35
N LEU A 239 -10.82 3.20 -17.03
CA LEU A 239 -9.71 2.86 -16.14
C LEU A 239 -9.28 1.41 -16.34
N THR A 240 -10.25 0.51 -16.53
CA THR A 240 -9.94 -0.90 -16.76
C THR A 240 -9.12 -1.07 -18.04
N LYS A 241 -9.59 -0.48 -19.14
CA LYS A 241 -8.83 -0.57 -20.39
C LYS A 241 -7.46 0.09 -20.27
N GLU A 242 -7.33 1.09 -19.41
CA GLU A 242 -6.05 1.76 -19.22
C GLU A 242 -5.19 1.08 -18.17
N LYS A 243 -5.62 -0.05 -17.64
CA LYS A 243 -4.84 -0.83 -16.67
C LYS A 243 -4.58 -0.01 -15.40
N ARG A 244 -5.62 0.65 -14.92
CA ARG A 244 -5.57 1.45 -13.69
C ARG A 244 -6.44 0.80 -12.63
N GLU A 245 -6.20 1.17 -11.37
CA GLU A 245 -6.72 0.34 -10.27
C GLU A 245 -8.18 0.59 -9.93
N GLY A 246 -8.63 1.83 -9.98
CA GLY A 246 -9.99 2.10 -9.53
C GLY A 246 -10.12 3.50 -8.99
N ILE A 247 -11.10 3.67 -8.11
CA ILE A 247 -11.47 4.99 -7.63
C ILE A 247 -11.63 4.94 -6.12
N VAL A 248 -11.52 6.12 -5.51
CA VAL A 248 -11.81 6.28 -4.10
C VAL A 248 -12.78 7.45 -4.00
N MET A 249 -13.83 7.25 -3.23
CA MET A 249 -14.98 8.14 -3.17
C MET A 249 -14.96 8.76 -1.78
N LYS A 250 -14.92 10.09 -1.70
CA LYS A 250 -14.74 10.79 -0.43
C LYS A 250 -15.76 11.91 -0.29
N SER A 251 -16.45 11.93 0.84
CA SER A 251 -17.25 13.11 1.17
C SER A 251 -16.33 14.32 1.31
N PRO A 252 -16.84 15.53 1.07
CA PRO A 252 -15.96 16.71 1.15
C PRO A 252 -15.30 16.87 2.52
N ASP A 253 -15.95 16.42 3.59
CA ASP A 253 -15.35 16.55 4.92
C ASP A 253 -14.47 15.37 5.29
N MET A 254 -14.25 14.42 4.36
CA MET A 254 -13.36 13.27 4.56
C MET A 254 -13.84 12.31 5.64
N LYS A 255 -15.10 12.43 6.07
CA LYS A 255 -15.63 11.53 7.08
C LYS A 255 -16.15 10.21 6.48
N LYS A 256 -16.51 10.20 5.19
CA LYS A 256 -17.01 9.00 4.54
C LYS A 256 -16.13 8.68 3.34
N ILE A 257 -15.47 7.52 3.36
CA ILE A 257 -14.52 7.12 2.32
C ILE A 257 -14.79 5.66 1.95
N VAL A 258 -15.04 5.40 0.66
CA VAL A 258 -15.17 4.03 0.16
C VAL A 258 -14.41 3.90 -1.15
N GLY A 259 -13.78 2.73 -1.35
CA GLY A 259 -13.06 2.46 -2.59
C GLY A 259 -13.79 1.45 -3.46
N TYR A 260 -13.51 1.49 -4.76
CA TYR A 260 -14.05 0.52 -5.71
C TYR A 260 -12.99 0.27 -6.78
N VAL A 261 -12.61 -0.99 -7.01
CA VAL A 261 -11.49 -1.26 -7.92
C VAL A 261 -12.01 -1.92 -9.19
N THR A 262 -11.20 -1.81 -10.26
CA THR A 262 -11.55 -2.29 -11.58
C THR A 262 -11.43 -3.80 -11.67
N PRO A 263 -12.09 -4.43 -12.65
CA PRO A 263 -11.82 -5.85 -12.90
C PRO A 263 -10.37 -6.08 -13.29
N TYR A 264 -9.74 -5.12 -13.97
CA TYR A 264 -8.32 -5.24 -14.27
C TYR A 264 -7.51 -5.44 -12.99
N ALA A 265 -7.78 -4.62 -11.97
CA ALA A 265 -7.01 -4.74 -10.74
C ALA A 265 -7.19 -6.10 -10.09
N ASN A 266 -8.42 -6.60 -10.08
CA ASN A 266 -8.65 -7.90 -9.45
C ASN A 266 -7.99 -9.02 -10.23
N ILE A 267 -8.07 -8.97 -11.55
CA ILE A 267 -7.46 -10.03 -12.36
C ILE A 267 -5.95 -9.96 -12.28
N ASN A 268 -5.36 -8.76 -12.38
CA ASN A 268 -3.90 -8.70 -12.36
C ASN A 268 -3.34 -9.05 -10.98
N ASP A 269 -4.04 -8.67 -9.91
CA ASP A 269 -3.62 -9.08 -8.57
C ASP A 269 -3.54 -10.60 -8.45
N ILE A 270 -4.55 -11.30 -8.99
CA ILE A 270 -4.50 -12.76 -8.95
C ILE A 270 -3.30 -13.27 -9.75
N LYS A 271 -3.09 -12.72 -10.94
CA LYS A 271 -1.98 -13.18 -11.78
C LYS A 271 -0.65 -13.09 -11.04
N ILE A 272 -0.39 -11.94 -10.40
CA ILE A 272 0.84 -11.73 -9.64
C ILE A 272 0.91 -12.69 -8.46
N GLY A 273 -0.20 -12.82 -7.74
CA GLY A 273 -0.20 -13.62 -6.53
C GLY A 273 -0.10 -15.11 -6.80
N ALA A 274 -0.62 -15.56 -7.95
CA ALA A 274 -0.70 -17.00 -8.24
C ALA A 274 0.68 -17.61 -8.47
N ARG A 275 1.69 -16.79 -8.75
CA ARG A 275 3.06 -17.27 -8.87
C ARG A 275 3.58 -17.81 -7.54
N ILE A 276 3.06 -17.27 -6.44
CA ILE A 276 3.44 -17.65 -5.08
C ILE A 276 2.40 -18.57 -4.45
N PHE A 277 1.14 -18.15 -4.55
CA PHE A 277 -0.07 -18.92 -4.16
C PHE A 277 -0.16 -19.17 -2.67
N PHE A 278 0.84 -19.82 -2.08
CA PHE A 278 0.83 -20.16 -0.68
C PHE A 278 1.33 -18.99 0.17
N ASP A 279 0.96 -19.02 1.46
CA ASP A 279 1.48 -18.06 2.42
C ASP A 279 1.08 -16.61 2.11
N LEU A 280 -0.05 -16.42 1.43
CA LEU A 280 -0.58 -15.09 1.15
C LEU A 280 -1.68 -14.73 2.16
N PRO A 281 -2.07 -13.46 2.25
CA PRO A 281 -3.13 -13.08 3.19
C PRO A 281 -4.37 -13.95 3.02
N HIS A 282 -5.03 -14.25 4.14
CA HIS A 282 -6.24 -15.07 4.07
C HIS A 282 -7.26 -14.39 3.17
N GLY A 283 -7.83 -15.17 2.25
CA GLY A 283 -8.84 -14.66 1.34
C GLY A 283 -8.32 -13.87 0.16
N TYR A 284 -6.99 -13.80 -0.03
CA TYR A 284 -6.43 -13.00 -1.11
C TYR A 284 -7.11 -13.28 -2.45
N PHE A 285 -7.17 -14.55 -2.85
CA PHE A 285 -7.75 -14.85 -4.16
C PHE A 285 -9.28 -14.80 -4.14
N MET A 286 -9.89 -15.37 -3.09
CA MET A 286 -11.35 -15.42 -2.99
C MET A 286 -11.99 -14.05 -3.02
N GLN A 287 -11.39 -13.08 -2.33
CA GLN A 287 -11.93 -11.72 -2.33
C GLN A 287 -11.95 -11.14 -3.73
N ARG A 288 -10.92 -11.43 -4.53
CA ARG A 288 -10.86 -10.84 -5.85
C ARG A 288 -11.79 -11.56 -6.84
N ILE A 289 -11.97 -12.86 -6.65
CA ILE A 289 -13.00 -13.60 -7.40
C ILE A 289 -14.38 -13.04 -7.07
N LYS A 290 -14.62 -12.77 -5.79
CA LYS A 290 -15.88 -12.15 -5.40
C LYS A 290 -16.08 -10.80 -6.07
N ARG A 291 -15.04 -9.96 -6.09
CA ARG A 291 -15.21 -8.64 -6.70
C ARG A 291 -15.46 -8.77 -8.20
N LEU A 292 -14.84 -9.74 -8.85
CA LEU A 292 -15.11 -9.93 -10.28
C LEU A 292 -16.55 -10.38 -10.50
N ALA A 293 -17.04 -11.33 -9.71
CA ALA A 293 -18.41 -11.79 -9.88
C ALA A 293 -19.41 -10.65 -9.69
N PHE A 294 -19.21 -9.81 -8.68
CA PHE A 294 -20.18 -8.73 -8.46
C PHE A 294 -20.12 -7.68 -9.56
N TYR A 295 -18.94 -7.44 -10.14
CA TYR A 295 -18.86 -6.54 -11.29
C TYR A 295 -19.63 -7.10 -12.48
N LEU A 296 -19.41 -8.38 -12.79
CA LEU A 296 -20.11 -9.02 -13.89
C LEU A 296 -21.63 -8.98 -13.67
N ALA A 297 -22.06 -9.20 -12.43
CA ALA A 297 -23.49 -9.18 -12.14
C ALA A 297 -24.06 -7.77 -12.25
N GLU A 298 -23.39 -6.79 -11.63
CA GLU A 298 -23.92 -5.42 -11.67
C GLU A 298 -23.96 -4.88 -13.08
N ARG A 299 -22.94 -5.16 -13.89
CA ARG A 299 -22.90 -4.62 -15.24
C ARG A 299 -23.67 -5.47 -16.24
N LYS A 300 -24.26 -6.58 -15.80
CA LYS A 300 -25.08 -7.44 -16.66
C LYS A 300 -24.26 -7.99 -17.81
N ILE A 301 -23.02 -8.36 -17.52
CA ILE A 301 -22.13 -8.81 -18.58
C ILE A 301 -22.48 -10.25 -18.92
N ARG A 302 -22.62 -10.53 -20.21
CA ARG A 302 -23.15 -11.80 -20.65
C ARG A 302 -22.54 -12.12 -22.00
N GLY A 303 -22.77 -13.34 -22.47
CA GLY A 303 -22.29 -13.75 -23.78
C GLY A 303 -20.77 -13.83 -23.87
N GLU A 304 -20.26 -13.51 -25.06
CA GLU A 304 -18.82 -13.60 -25.32
C GLU A 304 -18.02 -12.74 -24.34
N GLU A 305 -18.53 -11.57 -23.98
CA GLU A 305 -17.79 -10.73 -23.05
C GLU A 305 -17.60 -11.43 -21.71
N PHE A 306 -18.64 -12.10 -21.24
CA PHE A 306 -18.52 -12.89 -20.01
C PHE A 306 -17.50 -14.00 -20.17
N ASP A 307 -17.55 -14.72 -21.31
CA ASP A 307 -16.59 -15.80 -21.55
C ASP A 307 -15.14 -15.31 -21.51
N GLU A 308 -14.88 -14.10 -22.00
CA GLU A 308 -13.51 -13.61 -21.96
C GLU A 308 -13.04 -13.35 -20.52
N TYR A 309 -13.93 -12.86 -19.66
CA TYR A 309 -13.56 -12.75 -18.25
C TYR A 309 -13.33 -14.12 -17.63
N ALA A 310 -14.17 -15.11 -17.98
CA ALA A 310 -14.00 -16.42 -17.39
C ALA A 310 -12.68 -17.03 -17.84
N ARG A 311 -12.35 -16.89 -19.12
CA ARG A 311 -11.08 -17.41 -19.60
C ARG A 311 -9.92 -16.68 -18.93
N ALA A 312 -10.05 -15.36 -18.73
CA ALA A 312 -8.96 -14.62 -18.11
C ALA A 312 -8.74 -15.07 -16.67
N LEU A 313 -9.83 -15.24 -15.92
CA LEU A 313 -9.72 -15.66 -14.52
C LEU A 313 -9.05 -17.03 -14.41
N GLY A 314 -9.49 -17.99 -15.22
CA GLY A 314 -8.86 -19.30 -15.19
C GLY A 314 -7.38 -19.25 -15.54
N LYS A 315 -7.04 -18.42 -16.52
CA LYS A 315 -5.64 -18.31 -16.91
C LYS A 315 -4.78 -17.70 -15.81
N VAL A 316 -5.24 -16.65 -15.14
CA VAL A 316 -4.38 -16.01 -14.14
C VAL A 316 -4.30 -16.82 -12.85
N LEU A 317 -5.29 -17.67 -12.56
CA LEU A 317 -5.19 -18.58 -11.41
C LEU A 317 -4.20 -19.70 -11.70
N LEU A 318 -4.25 -20.28 -12.89
CA LEU A 318 -3.53 -21.53 -13.18
C LEU A 318 -2.17 -21.33 -13.82
N GLU A 319 -2.06 -20.46 -14.82
CA GLU A 319 -0.81 -20.39 -15.56
C GLU A 319 0.37 -20.00 -14.67
N PRO A 320 0.29 -18.94 -13.86
CA PRO A 320 1.47 -18.59 -13.05
C PRO A 320 1.80 -19.64 -12.01
N PHE A 321 0.75 -20.29 -11.48
CA PHE A 321 0.91 -21.33 -10.46
C PHE A 321 1.58 -22.57 -11.06
N VAL A 322 1.08 -23.05 -12.19
CA VAL A 322 1.69 -24.22 -12.82
C VAL A 322 3.14 -23.91 -13.19
N GLU A 323 3.41 -22.70 -13.68
CA GLU A 323 4.79 -22.36 -14.03
C GLU A 323 5.71 -22.43 -12.82
N SER A 324 5.25 -21.92 -11.67
CA SER A 324 6.07 -22.03 -10.46
C SER A 324 6.25 -23.48 -10.01
N ILE A 325 5.20 -24.30 -10.13
CA ILE A 325 5.37 -25.71 -9.79
C ILE A 325 6.48 -26.32 -10.64
N TRP A 326 6.45 -26.08 -11.95
CA TRP A 326 7.52 -26.59 -12.81
C TRP A 326 8.88 -26.02 -12.38
N ASP A 327 8.91 -24.74 -12.02
CA ASP A 327 10.16 -24.13 -11.53
C ASP A 327 10.70 -24.88 -10.32
N ILE A 328 9.84 -25.15 -9.35
CA ILE A 328 10.35 -25.75 -8.11
C ILE A 328 10.56 -27.25 -8.22
N SER A 329 10.06 -27.87 -9.29
CA SER A 329 9.96 -29.32 -9.34
C SER A 329 11.32 -30.01 -9.47
N SER A 330 12.36 -29.30 -9.90
CA SER A 330 13.68 -29.92 -9.95
C SER A 330 14.32 -30.00 -8.56
N GLY A 331 14.13 -28.97 -7.74
CA GLY A 331 14.56 -28.97 -6.36
C GLY A 331 15.57 -27.92 -5.97
N ASP A 332 16.08 -27.11 -6.91
CA ASP A 332 17.05 -26.08 -6.56
C ASP A 332 16.38 -24.76 -6.21
N ASP A 333 15.61 -24.20 -7.16
CA ASP A 333 15.21 -22.80 -7.10
C ASP A 333 14.17 -22.54 -6.00
N GLU A 334 14.16 -21.30 -5.55
CA GLU A 334 13.07 -20.76 -4.72
C GLU A 334 12.25 -19.81 -5.59
N ILE A 335 10.94 -19.76 -5.34
CA ILE A 335 10.08 -18.81 -6.04
C ILE A 335 10.56 -17.40 -5.78
N ALA A 336 10.63 -16.58 -6.84
CA ALA A 336 11.29 -15.28 -6.73
C ALA A 336 10.56 -14.23 -7.56
N GLU A 337 10.72 -12.97 -7.14
CA GLU A 337 10.34 -11.79 -7.89
C GLU A 337 11.57 -10.91 -8.05
N LEU A 338 11.81 -10.40 -9.26
CA LEU A 338 12.86 -9.41 -9.49
C LEU A 338 12.25 -8.02 -9.50
N PHE A 339 12.96 -7.06 -8.90
CA PHE A 339 12.52 -5.68 -9.05
C PHE A 339 13.72 -4.76 -9.07
N THR A 340 13.50 -3.54 -9.55
CA THR A 340 14.54 -2.54 -9.60
C THR A 340 14.06 -1.28 -8.90
N VAL A 341 15.02 -0.54 -8.35
CA VAL A 341 14.76 0.79 -7.81
C VAL A 341 15.93 1.66 -8.23
N ARG A 342 15.72 2.98 -8.17
CA ARG A 342 16.79 3.95 -8.42
C ARG A 342 17.09 4.67 -7.12
N VAL A 343 18.38 4.78 -6.77
CA VAL A 343 18.80 5.50 -5.58
C VAL A 343 19.87 6.52 -5.96
N LYS A 344 19.90 7.62 -5.19
CA LYS A 344 20.95 8.62 -5.38
C LYS A 344 22.30 8.12 -4.87
N LYS A 345 22.31 7.40 -3.76
CA LYS A 345 23.54 6.98 -3.11
C LYS A 345 23.57 5.47 -2.95
N LEU A 346 24.72 4.86 -3.28
CA LEU A 346 24.91 3.44 -3.08
C LEU A 346 24.64 3.04 -1.64
N GLU A 347 24.96 3.93 -0.70
CA GLU A 347 24.72 3.67 0.72
C GLU A 347 23.25 3.36 1.00
N THR A 348 22.35 4.00 0.26
CA THR A 348 20.93 3.70 0.44
C THR A 348 20.63 2.25 0.09
N ALA A 349 21.27 1.73 -0.96
CA ALA A 349 21.07 0.33 -1.33
C ALA A 349 21.51 -0.58 -0.20
N HIS A 350 22.62 -0.25 0.47
CA HIS A 350 23.04 -1.05 1.61
C HIS A 350 22.01 -0.96 2.73
N LYS A 351 21.48 0.24 2.99
CA LYS A 351 20.46 0.38 4.02
C LYS A 351 19.20 -0.40 3.69
N MET A 352 18.84 -0.54 2.41
CA MET A 352 17.63 -1.31 2.11
C MET A 352 17.85 -2.80 2.38
N VAL A 353 19.06 -3.29 2.10
CA VAL A 353 19.35 -4.70 2.39
C VAL A 353 19.20 -4.97 3.89
N THR A 354 19.80 -4.12 4.72
CA THR A 354 19.64 -4.22 6.16
C THR A 354 18.17 -4.15 6.56
N HIS A 355 17.42 -3.24 5.93
CA HIS A 355 16.01 -3.06 6.24
C HIS A 355 15.20 -4.31 5.87
N PHE A 356 15.46 -4.88 4.69
CA PHE A 356 14.78 -6.10 4.29
C PHE A 356 15.11 -7.25 5.25
N GLU A 357 16.37 -7.35 5.65
CA GLU A 357 16.78 -8.42 6.55
C GLU A 357 16.09 -8.28 7.90
N ARG A 358 15.96 -7.04 8.39
CA ARG A 358 15.24 -6.81 9.64
C ARG A 358 13.75 -7.13 9.50
N LEU A 359 13.17 -6.86 8.33
CA LEU A 359 11.77 -7.22 8.11
C LEU A 359 11.57 -8.73 7.88
N ARG A 360 12.59 -9.58 8.01
CA ARG A 360 12.41 -11.02 7.77
C ARG A 360 12.01 -11.31 6.33
N LEU A 361 12.50 -10.51 5.40
CA LEU A 361 12.41 -10.82 3.98
C LEU A 361 13.74 -11.40 3.52
N LYS A 362 13.68 -12.23 2.48
CA LYS A 362 14.90 -12.81 1.90
C LYS A 362 15.10 -12.14 0.55
N ILE A 363 15.92 -11.10 0.54
CA ILE A 363 16.09 -10.25 -0.65
C ILE A 363 17.58 -9.97 -0.78
N HIS A 364 18.13 -10.18 -1.96
CA HIS A 364 19.53 -9.84 -2.21
C HIS A 364 19.67 -9.04 -3.50
N ILE A 365 20.84 -8.41 -3.64
CA ILE A 365 21.14 -7.57 -4.79
C ILE A 365 21.59 -8.45 -5.94
N ASP A 366 20.90 -8.34 -7.08
CA ASP A 366 21.16 -9.16 -8.25
C ASP A 366 22.00 -8.44 -9.31
N ASP A 367 21.88 -7.12 -9.41
CA ASP A 367 22.57 -6.33 -10.43
C ASP A 367 22.61 -4.88 -9.95
N ILE A 368 23.58 -4.14 -10.47
CA ILE A 368 23.71 -2.70 -10.22
C ILE A 368 24.15 -2.05 -11.51
N GLU A 369 23.61 -0.87 -11.78
CA GLU A 369 23.89 -0.11 -13.00
C GLU A 369 23.88 1.37 -12.65
N VAL A 370 24.84 2.12 -13.17
CA VAL A 370 24.80 3.57 -13.00
C VAL A 370 24.08 4.16 -14.21
N LEU A 371 23.15 5.06 -13.99
CA LEU A 371 22.39 5.63 -15.08
C LEU A 371 23.01 6.95 -15.54
N ASP A 372 22.61 7.39 -16.73
CA ASP A 372 23.19 8.60 -17.31
C ASP A 372 22.91 9.85 -16.47
N ASN A 373 21.96 9.80 -15.54
CA ASN A 373 21.71 10.95 -14.66
C ASN A 373 22.42 10.82 -13.31
N GLY A 374 23.29 9.81 -13.15
CA GLY A 374 24.04 9.66 -11.93
C GLY A 374 23.37 8.85 -10.85
N TYR A 375 22.09 8.50 -11.03
CA TYR A 375 21.42 7.59 -10.11
C TYR A 375 21.95 6.17 -10.31
N TRP A 376 21.85 5.38 -9.25
CA TRP A 376 22.16 3.95 -9.33
C TRP A 376 20.86 3.18 -9.50
N ARG A 377 20.82 2.28 -10.46
CA ARG A 377 19.68 1.36 -10.57
C ARG A 377 20.07 0.02 -9.95
N ILE A 378 19.36 -0.36 -8.89
CA ILE A 378 19.63 -1.59 -8.16
C ILE A 378 18.56 -2.60 -8.54
N THR A 379 18.99 -3.79 -8.96
CA THR A 379 18.07 -4.90 -9.18
C THR A 379 18.15 -5.82 -7.97
N PHE A 380 17.03 -6.00 -7.28
CA PHE A 380 16.94 -6.91 -6.14
C PHE A 380 16.21 -8.17 -6.58
N LYS A 381 16.51 -9.28 -5.91
CA LYS A 381 15.76 -10.51 -6.07
C LYS A 381 15.14 -10.88 -4.73
N ARG A 382 13.81 -10.94 -4.69
CA ARG A 382 13.04 -11.29 -3.50
C ARG A 382 12.59 -12.73 -3.65
N VAL A 383 12.96 -13.59 -2.70
CA VAL A 383 12.57 -15.00 -2.78
C VAL A 383 11.59 -15.30 -1.66
N TYR A 384 10.81 -16.38 -1.87
CA TYR A 384 9.68 -16.74 -1.03
C TYR A 384 9.89 -18.15 -0.49
N PRO A 385 10.71 -18.30 0.55
CA PRO A 385 11.05 -19.66 1.00
C PRO A 385 9.89 -20.43 1.59
N ASP A 386 8.96 -19.79 2.30
CA ASP A 386 7.85 -20.55 2.90
C ASP A 386 6.89 -21.06 1.83
N ALA A 387 6.49 -20.19 0.90
CA ALA A 387 5.63 -20.66 -0.19
C ALA A 387 6.33 -21.74 -1.00
N THR A 388 7.64 -21.58 -1.20
CA THR A 388 8.42 -22.56 -1.94
C THR A 388 8.38 -23.92 -1.25
N LYS A 389 8.54 -23.91 0.07
CA LYS A 389 8.58 -25.16 0.84
C LYS A 389 7.26 -25.92 0.72
N GLU A 390 6.15 -25.23 0.91
CA GLU A 390 4.85 -25.88 0.81
C GLU A 390 4.62 -26.41 -0.60
N MET A 391 4.92 -25.59 -1.60
CA MET A 391 4.73 -26.01 -2.99
C MET A 391 5.55 -27.26 -3.29
N ARG A 392 6.79 -27.28 -2.81
CA ARG A 392 7.68 -28.40 -3.09
C ARG A 392 7.27 -29.64 -2.32
N GLU A 393 6.81 -29.49 -1.08
CA GLU A 393 6.35 -30.66 -0.34
C GLU A 393 5.17 -31.31 -1.05
N LEU A 394 4.24 -30.50 -1.55
CA LEU A 394 3.10 -31.07 -2.27
C LEU A 394 3.56 -31.76 -3.55
N TRP A 395 4.46 -31.13 -4.30
CA TRP A 395 5.02 -31.77 -5.49
C TRP A 395 5.67 -33.10 -5.14
N ASN A 396 6.38 -33.15 -4.01
CA ASN A 396 7.08 -34.35 -3.61
C ASN A 396 6.17 -35.37 -2.92
N GLY A 397 4.85 -35.16 -2.96
CA GLY A 397 3.92 -36.20 -2.57
C GLY A 397 3.44 -36.17 -1.13
N HIS A 398 3.70 -35.09 -0.39
CA HIS A 398 3.17 -35.02 0.97
C HIS A 398 1.65 -35.13 0.95
N ALA A 399 1.12 -35.88 1.91
CA ALA A 399 -0.29 -36.18 2.01
C ALA A 399 -0.86 -35.39 3.19
N PHE A 400 -2.02 -34.74 2.97
CA PHE A 400 -2.67 -33.95 4.00
C PHE A 400 -4.18 -34.11 3.90
N VAL A 401 -4.86 -33.81 5.00
CA VAL A 401 -6.31 -33.77 5.01
C VAL A 401 -6.78 -32.40 4.51
N ASP A 402 -7.96 -32.38 3.92
CA ASP A 402 -8.61 -31.13 3.51
C ASP A 402 -8.76 -30.16 4.68
C1 GOL B . 3.52 -9.71 -4.23
O1 GOL B . 3.87 -9.21 -5.49
C2 GOL B . 2.01 -9.52 -4.11
O2 GOL B . 1.31 -10.35 -4.97
C3 GOL B . 1.69 -9.83 -2.63
O3 GOL B . 0.40 -10.36 -2.63
C1 GOL C . -11.37 -3.76 -2.88
O1 GOL C . -11.73 -2.46 -3.23
C2 GOL C . -9.88 -3.81 -2.40
O2 GOL C . -9.17 -2.67 -2.74
C3 GOL C . -9.94 -4.06 -0.86
O3 GOL C . -11.29 -4.32 -0.52
C1 GOL D . 13.65 14.03 18.62
O1 GOL D . 12.70 14.89 18.09
C2 GOL D . 13.17 12.61 18.28
O2 GOL D . 12.30 12.13 19.27
C3 GOL D . 14.47 11.79 18.18
O3 GOL D . 14.11 10.48 17.88
C1 GOL E . -6.60 5.85 -0.42
O1 GOL E . -5.88 5.48 -1.57
C2 GOL E . -6.83 7.35 -0.55
O2 GOL E . -7.67 7.67 -1.60
C3 GOL E . -7.33 7.89 0.84
O3 GOL E . -7.42 6.81 1.71
C1 GOL F . -1.86 -28.60 4.40
O1 GOL F . -2.93 -28.17 5.16
C2 GOL F . -2.28 -28.47 2.93
O2 GOL F . -3.31 -27.53 2.74
C3 GOL F . -0.97 -28.14 2.15
O3 GOL F . -1.29 -27.29 1.08
C1 GOL G . -14.22 -14.56 0.13
O1 GOL G . -13.97 -13.23 0.37
C2 GOL G . -15.06 -15.05 1.31
O2 GOL G . -16.16 -14.24 1.49
C3 GOL G . -15.44 -16.49 0.93
O3 GOL G . -16.45 -16.88 1.84
MG MG H . -3.04 -4.49 -7.95
MG MG I . -3.03 -0.44 -2.68
#